data_1WPX
#
_entry.id   1WPX
#
_cell.length_a   81.129
_cell.length_b   186.590
_cell.length_c   65.140
_cell.angle_alpha   90.00
_cell.angle_beta   90.00
_cell.angle_gamma   90.00
#
_symmetry.space_group_name_H-M   'P 21 21 21'
#
loop_
_entity.id
_entity.type
_entity.pdbx_description
1 polymer 'Carboxypeptidase Y'
2 polymer 'Carboxypeptidase Y inhibitor'
3 non-polymer 2-acetamido-2-deoxy-beta-D-glucopyranose
4 non-polymer 'SULFATE ION'
5 water water
#
loop_
_entity_poly.entity_id
_entity_poly.type
_entity_poly.pdbx_seq_one_letter_code
_entity_poly.pdbx_strand_id
1 'polypeptide(L)'
;KIKDPKILGIDPNVTQYTGYLDVEDEDKHFFFWTFESRNDPAKDPVILWLNGGPGCSSLTGLFFELGPSSIGPDLKPIGN
PYSWNSNATVIFLDQPVNVGFSYSGSSGVSNTVAAGKDVYNFLELFFDQFPEYVNKGQDFHIAGESYAGHYIPVFASEIL
SHKDRNFNLTSVLIGNGLTDPLTQYNYYEPMACGEGGEPSVLPSEECSAMEDSLERCLGLIESCYDSQSVWSCVPATIYC
NNAQLAPYQRTGRNVYDIRKDCEGGNLCYPTLQDIDDYLNQDYVKEAVGAEVDHYESCNFDINRNFLFAGDWMKPYHTAV
TDLLNQDLPILVYAGDKDFICNWLGNKAWTDVLPWKYDEEFASQKVRNWTASITDEVAGEVKSYKHFTYLRVFNGGHMVP
FDVPENALSMVNEWIHGGFSL
;
A
2 'polypeptide(L)'
;(ACE)MNQAIDFAQASIDSYKKHGILEDVIHDTSFQPSGILAVEYSSSAPVAMGNTLPTEKARSKPQFQFTFNKQMQKSV
PQANAYVPQDDDLFTLVMTDPDAPSKTDHKWSEFCHLVECDLKLLNEATHETSGATEFFASEFNTKGSNTLIEYMGPAPP
KGSGPHRYVFLLYKQPKGVDSSKFSKIKDRPNWGYGTPATGVGKWAKENNLQLVASNFFYAETK
;
B
#
# COMPACT_ATOMS: atom_id res chain seq x y z
N LYS A 1 -8.85 -16.89 18.67
CA LYS A 1 -9.44 -18.26 18.62
C LYS A 1 -9.33 -18.87 17.23
N ILE A 2 -9.30 -20.20 17.19
CA ILE A 2 -9.21 -20.93 15.94
C ILE A 2 -10.48 -21.70 15.68
N LYS A 3 -10.88 -21.79 14.42
CA LYS A 3 -12.11 -22.47 14.06
C LYS A 3 -11.93 -23.41 12.88
N ASP A 4 -12.89 -24.31 12.72
CA ASP A 4 -12.90 -25.26 11.62
C ASP A 4 -14.03 -24.78 10.72
N PRO A 5 -13.69 -24.11 9.60
CA PRO A 5 -14.67 -23.58 8.64
C PRO A 5 -15.12 -24.57 7.58
N LYS A 6 -14.92 -25.85 7.83
CA LYS A 6 -15.29 -26.84 6.85
C LYS A 6 -16.75 -26.77 6.41
N ILE A 7 -17.66 -26.39 7.30
CA ILE A 7 -19.05 -26.36 6.91
C ILE A 7 -19.33 -25.49 5.69
N LEU A 8 -18.44 -24.55 5.40
CA LEU A 8 -18.61 -23.72 4.23
C LEU A 8 -18.20 -24.60 3.05
N GLY A 9 -18.42 -24.15 1.82
CA GLY A 9 -18.01 -25.02 0.73
C GLY A 9 -16.51 -25.14 0.64
N ILE A 10 -15.90 -24.11 0.05
CA ILE A 10 -14.47 -23.96 -0.16
C ILE A 10 -13.64 -25.19 -0.56
N ASP A 11 -13.40 -26.13 0.35
CA ASP A 11 -12.64 -27.31 -0.05
C ASP A 11 -12.95 -28.54 0.80
N PRO A 12 -14.02 -29.27 0.43
CA PRO A 12 -14.43 -30.48 1.15
C PRO A 12 -13.36 -31.56 1.24
N ASN A 13 -13.33 -32.25 2.37
CA ASN A 13 -12.37 -33.32 2.59
C ASN A 13 -10.89 -32.89 2.48
N VAL A 14 -10.57 -31.79 3.13
CA VAL A 14 -9.23 -31.20 3.22
C VAL A 14 -9.33 -30.38 4.50
N THR A 15 -8.55 -30.73 5.51
CA THR A 15 -8.64 -29.98 6.76
C THR A 15 -8.12 -28.56 6.64
N GLN A 16 -8.73 -27.64 7.38
CA GLN A 16 -8.35 -26.26 7.28
C GLN A 16 -8.67 -25.48 8.56
N TYR A 17 -7.96 -24.38 8.79
CA TYR A 17 -8.22 -23.58 9.97
C TYR A 17 -8.35 -22.11 9.62
N THR A 18 -9.20 -21.40 10.37
CA THR A 18 -9.38 -19.98 10.20
C THR A 18 -9.36 -19.45 11.62
N GLY A 19 -9.14 -18.16 11.78
CA GLY A 19 -9.13 -17.61 13.12
C GLY A 19 -8.08 -16.54 13.27
N TYR A 20 -7.69 -16.30 14.52
CA TYR A 20 -6.70 -15.27 14.79
C TYR A 20 -5.53 -15.76 15.59
N LEU A 21 -4.39 -15.13 15.32
CA LEU A 21 -3.16 -15.41 16.02
C LEU A 21 -2.87 -14.03 16.57
N ASP A 22 -2.69 -13.91 17.88
CA ASP A 22 -2.47 -12.61 18.48
C ASP A 22 -1.11 -12.27 19.03
N VAL A 23 -0.83 -10.98 19.01
CA VAL A 23 0.40 -10.39 19.53
C VAL A 23 -0.20 -9.31 20.44
N GLU A 24 -1.04 -9.77 21.37
CA GLU A 24 -1.76 -8.91 22.34
C GLU A 24 -0.91 -7.86 23.04
N ASP A 25 0.38 -8.17 23.22
CA ASP A 25 1.29 -7.24 23.86
C ASP A 25 1.53 -6.05 22.93
N GLU A 26 0.76 -6.00 21.84
CA GLU A 26 0.86 -4.93 20.86
C GLU A 26 -0.53 -4.72 20.25
N ASP A 27 -1.47 -5.53 20.71
CA ASP A 27 -2.86 -5.47 20.26
C ASP A 27 -2.95 -5.64 18.74
N LYS A 28 -2.48 -6.79 18.25
CA LYS A 28 -2.52 -7.09 16.83
C LYS A 28 -3.14 -8.45 16.61
N HIS A 29 -4.22 -8.47 15.85
CA HIS A 29 -4.94 -9.70 15.58
C HIS A 29 -4.91 -10.05 14.11
N PHE A 30 -4.10 -11.05 13.78
CA PHE A 30 -3.95 -11.48 12.40
C PHE A 30 -4.90 -12.60 12.02
N PHE A 31 -5.74 -12.33 11.02
CA PHE A 31 -6.66 -13.35 10.54
C PHE A 31 -5.98 -14.14 9.43
N PHE A 32 -6.22 -15.45 9.43
CA PHE A 32 -5.63 -16.29 8.41
C PHE A 32 -6.57 -17.44 8.10
N TRP A 33 -6.31 -18.10 6.98
CA TRP A 33 -7.08 -19.25 6.54
C TRP A 33 -6.02 -20.19 5.97
N THR A 34 -6.03 -21.43 6.46
CA THR A 34 -5.08 -22.45 6.04
C THR A 34 -5.77 -23.60 5.31
N PHE A 35 -5.11 -24.14 4.29
CA PHE A 35 -5.63 -25.26 3.53
C PHE A 35 -4.51 -26.26 3.34
N GLU A 36 -4.77 -27.53 3.64
CA GLU A 36 -3.73 -28.54 3.47
C GLU A 36 -3.66 -29.02 2.04
N SER A 37 -2.52 -29.60 1.68
CA SER A 37 -2.35 -30.13 0.33
C SER A 37 -3.41 -31.19 0.05
N ARG A 38 -3.96 -31.18 -1.16
CA ARG A 38 -4.96 -32.16 -1.51
C ARG A 38 -4.27 -33.48 -1.76
N ASN A 39 -2.95 -33.47 -1.61
CA ASN A 39 -2.13 -34.65 -1.80
C ASN A 39 -1.65 -35.15 -0.45
N ASP A 40 -0.41 -34.84 -0.09
CA ASP A 40 0.14 -35.27 1.20
C ASP A 40 0.66 -34.08 2.01
N PRO A 41 -0.17 -33.58 2.96
CA PRO A 41 0.24 -32.45 3.79
C PRO A 41 1.47 -32.67 4.64
N ALA A 42 1.90 -33.91 4.77
CA ALA A 42 3.08 -34.21 5.58
C ALA A 42 4.35 -34.17 4.75
N LYS A 43 4.20 -34.26 3.43
CA LYS A 43 5.34 -34.24 2.51
C LYS A 43 5.41 -32.95 1.72
N ASP A 44 4.27 -32.52 1.18
CA ASP A 44 4.21 -31.32 0.36
C ASP A 44 4.60 -30.05 1.11
N PRO A 45 5.17 -29.07 0.39
CA PRO A 45 5.59 -27.81 0.99
C PRO A 45 4.44 -26.90 1.42
N VAL A 46 4.77 -25.96 2.31
CA VAL A 46 3.81 -24.99 2.81
C VAL A 46 4.06 -23.68 2.07
N ILE A 47 2.98 -23.01 1.67
CA ILE A 47 3.09 -21.74 0.95
C ILE A 47 2.27 -20.63 1.61
N LEU A 48 2.91 -19.50 1.87
CA LEU A 48 2.24 -18.33 2.45
C LEU A 48 1.92 -17.40 1.29
N TRP A 49 0.64 -17.09 1.09
CA TRP A 49 0.24 -16.19 0.00
C TRP A 49 -0.08 -14.77 0.49
N LEU A 50 0.45 -13.77 -0.21
CA LEU A 50 0.22 -12.38 0.15
C LEU A 50 -0.21 -11.52 -1.03
N ASN A 51 -1.32 -10.78 -0.89
CA ASN A 51 -1.73 -9.89 -1.96
C ASN A 51 -1.07 -8.55 -1.68
N GLY A 52 -1.20 -7.59 -2.59
CA GLY A 52 -0.57 -6.30 -2.39
C GLY A 52 -1.49 -5.17 -1.96
N GLY A 53 -1.54 -4.13 -2.80
CA GLY A 53 -2.36 -2.96 -2.51
C GLY A 53 -1.51 -1.70 -2.59
N PRO A 54 -0.85 -1.31 -1.48
CA PRO A 54 -0.89 -2.05 -0.21
C PRO A 54 -2.21 -1.81 0.53
N GLY A 55 -2.65 -2.84 1.26
CA GLY A 55 -3.88 -2.72 2.02
C GLY A 55 -4.98 -3.66 1.54
N CYS A 56 -4.65 -4.58 0.64
CA CYS A 56 -5.65 -5.52 0.15
C CYS A 56 -5.57 -6.90 0.81
N SER A 57 -6.73 -7.53 0.99
CA SER A 57 -6.85 -8.84 1.61
C SER A 57 -6.32 -9.99 0.76
N SER A 58 -5.73 -10.97 1.43
CA SER A 58 -5.20 -12.13 0.73
C SER A 58 -6.33 -13.09 0.38
N LEU A 59 -7.54 -12.78 0.85
CA LEU A 59 -8.68 -13.64 0.55
C LEU A 59 -9.07 -13.42 -0.91
N THR A 60 -8.52 -12.38 -1.50
CA THR A 60 -8.78 -12.08 -2.90
C THR A 60 -8.10 -13.18 -3.69
N GLY A 61 -6.84 -13.46 -3.35
CA GLY A 61 -6.11 -14.50 -4.04
C GLY A 61 -6.75 -15.86 -3.86
N LEU A 62 -7.37 -16.05 -2.70
CA LEU A 62 -8.01 -17.31 -2.38
C LEU A 62 -9.24 -17.58 -3.26
N PHE A 63 -10.21 -16.67 -3.22
CA PHE A 63 -11.45 -16.83 -3.95
C PHE A 63 -11.44 -16.41 -5.42
N PHE A 64 -10.60 -15.44 -5.74
CA PHE A 64 -10.52 -14.90 -7.09
C PHE A 64 -9.38 -15.41 -7.96
N GLU A 65 -8.26 -15.81 -7.35
CA GLU A 65 -7.11 -16.22 -8.15
C GLU A 65 -6.64 -17.67 -8.14
N LEU A 66 -6.17 -18.13 -6.97
CA LEU A 66 -5.58 -19.46 -6.88
C LEU A 66 -6.00 -20.39 -5.76
N GLY A 67 -7.04 -20.02 -5.01
CA GLY A 67 -7.51 -20.88 -3.92
C GLY A 67 -8.42 -22.01 -4.36
N PRO A 68 -8.77 -22.94 -3.46
CA PRO A 68 -9.63 -24.11 -3.71
C PRO A 68 -11.04 -23.85 -4.26
N SER A 69 -11.57 -22.65 -4.05
CA SER A 69 -12.90 -22.33 -4.57
C SER A 69 -13.02 -20.87 -4.94
N SER A 70 -13.87 -20.60 -5.94
CA SER A 70 -14.14 -19.24 -6.35
C SER A 70 -15.58 -19.07 -5.96
N ILE A 71 -16.13 -17.87 -6.15
CA ILE A 71 -17.52 -17.65 -5.77
C ILE A 71 -18.42 -17.21 -6.90
N GLY A 72 -19.52 -17.94 -7.08
CA GLY A 72 -20.47 -17.63 -8.14
C GLY A 72 -21.38 -16.45 -7.84
N PRO A 73 -22.12 -15.98 -8.85
CA PRO A 73 -23.05 -14.85 -8.72
C PRO A 73 -24.12 -15.09 -7.66
N ASP A 74 -24.34 -16.35 -7.32
CA ASP A 74 -25.34 -16.73 -6.32
C ASP A 74 -24.74 -16.94 -4.94
N LEU A 75 -23.50 -16.51 -4.77
CA LEU A 75 -22.77 -16.63 -3.52
C LEU A 75 -22.48 -18.06 -3.08
N LYS A 76 -22.44 -18.98 -4.03
CA LYS A 76 -22.14 -20.37 -3.70
C LYS A 76 -20.74 -20.71 -4.19
N PRO A 77 -19.92 -21.34 -3.35
CA PRO A 77 -18.57 -21.69 -3.78
C PRO A 77 -18.54 -22.70 -4.92
N ILE A 78 -17.56 -22.54 -5.80
CA ILE A 78 -17.36 -23.43 -6.94
C ILE A 78 -15.92 -23.95 -6.83
N GLY A 79 -15.76 -25.26 -6.80
CA GLY A 79 -14.43 -25.83 -6.67
C GLY A 79 -13.48 -25.44 -7.79
N ASN A 80 -12.23 -25.16 -7.43
CA ASN A 80 -11.20 -24.82 -8.39
C ASN A 80 -10.29 -26.03 -8.51
N PRO A 81 -10.28 -26.70 -9.67
CA PRO A 81 -9.43 -27.89 -9.85
C PRO A 81 -7.95 -27.56 -9.94
N TYR A 82 -7.66 -26.28 -10.19
CA TYR A 82 -6.27 -25.86 -10.34
C TYR A 82 -5.78 -25.03 -9.17
N SER A 83 -6.41 -25.22 -8.02
CA SER A 83 -6.03 -24.51 -6.81
C SER A 83 -4.57 -24.81 -6.49
N TRP A 84 -3.88 -23.86 -5.87
CA TRP A 84 -2.48 -24.05 -5.50
C TRP A 84 -2.28 -25.00 -4.34
N ASN A 85 -3.36 -25.44 -3.70
CA ASN A 85 -3.23 -26.38 -2.59
C ASN A 85 -3.36 -27.80 -3.12
N SER A 86 -3.11 -27.96 -4.42
CA SER A 86 -3.17 -29.26 -5.07
C SER A 86 -2.01 -30.12 -4.61
N ASN A 87 -0.84 -29.48 -4.50
CA ASN A 87 0.38 -30.15 -4.09
C ASN A 87 1.18 -29.29 -3.11
N ALA A 88 0.47 -28.64 -2.20
CA ALA A 88 1.08 -27.77 -1.21
C ALA A 88 -0.02 -27.33 -0.25
N THR A 89 0.33 -27.11 1.01
CA THR A 89 -0.69 -26.63 1.92
C THR A 89 -0.45 -25.12 1.88
N VAL A 90 -1.52 -24.37 1.66
CA VAL A 90 -1.41 -22.93 1.53
C VAL A 90 -1.95 -22.13 2.71
N ILE A 91 -1.33 -20.99 2.97
CA ILE A 91 -1.75 -20.10 4.05
C ILE A 91 -2.08 -18.74 3.45
N PHE A 92 -3.30 -18.26 3.72
CA PHE A 92 -3.72 -16.95 3.22
C PHE A 92 -3.77 -16.03 4.43
N LEU A 93 -2.92 -15.02 4.42
CA LEU A 93 -2.84 -14.09 5.53
C LEU A 93 -3.28 -12.66 5.21
N ASP A 94 -4.16 -12.11 6.04
CA ASP A 94 -4.57 -10.72 5.85
C ASP A 94 -3.53 -9.90 6.62
N GLN A 95 -2.83 -9.05 5.90
CA GLN A 95 -1.77 -8.24 6.50
C GLN A 95 -1.55 -6.97 5.67
N PRO A 96 -1.21 -5.84 6.32
CA PRO A 96 -0.99 -5.56 7.74
C PRO A 96 -2.30 -5.58 8.52
N VAL A 97 -2.21 -5.33 9.83
CA VAL A 97 -3.40 -5.32 10.66
C VAL A 97 -4.39 -4.30 10.09
N ASN A 98 -5.68 -4.62 10.22
CA ASN A 98 -6.78 -3.79 9.72
C ASN A 98 -7.09 -4.01 8.26
N VAL A 99 -6.46 -5.01 7.67
CA VAL A 99 -6.73 -5.37 6.29
C VAL A 99 -7.59 -6.63 6.37
N GLY A 100 -8.69 -6.65 5.60
CA GLY A 100 -9.57 -7.79 5.61
C GLY A 100 -10.16 -8.01 7.00
N PHE A 101 -9.93 -9.19 7.57
CA PHE A 101 -10.43 -9.50 8.90
C PHE A 101 -9.38 -9.24 9.98
N SER A 102 -8.16 -8.89 9.57
CA SER A 102 -7.12 -8.60 10.54
C SER A 102 -7.38 -7.22 11.11
N TYR A 103 -7.19 -7.04 12.39
CA TYR A 103 -7.44 -5.74 12.99
C TYR A 103 -6.52 -5.45 14.17
N SER A 104 -6.57 -4.19 14.62
CA SER A 104 -5.77 -3.73 15.73
C SER A 104 -6.34 -2.41 16.19
N GLY A 105 -6.67 -2.33 17.47
CA GLY A 105 -7.23 -1.11 18.00
C GLY A 105 -6.24 0.04 18.10
N SER A 106 -5.10 -0.21 18.72
CA SER A 106 -4.09 0.83 18.90
C SER A 106 -3.15 1.07 17.72
N SER A 107 -2.17 0.19 17.56
CA SER A 107 -1.16 0.29 16.51
C SER A 107 -1.64 0.35 15.05
N GLY A 108 -0.66 0.55 14.17
CA GLY A 108 -0.91 0.64 12.75
C GLY A 108 0.43 0.78 12.04
N VAL A 109 0.59 0.08 10.92
CA VAL A 109 1.83 0.10 10.14
C VAL A 109 1.79 1.07 8.95
N SER A 110 2.88 1.79 8.72
CA SER A 110 2.97 2.75 7.61
C SER A 110 4.01 2.44 6.56
N ASN A 111 4.84 1.44 6.78
CA ASN A 111 5.86 1.09 5.81
C ASN A 111 6.06 -0.42 5.77
N THR A 112 6.79 -0.89 4.77
CA THR A 112 7.04 -2.31 4.59
C THR A 112 7.88 -2.95 5.69
N VAL A 113 8.93 -2.27 6.13
CA VAL A 113 9.80 -2.80 7.17
C VAL A 113 8.99 -3.15 8.42
N ALA A 114 8.19 -2.19 8.88
CA ALA A 114 7.37 -2.45 10.06
C ALA A 114 6.43 -3.63 9.80
N ALA A 115 5.84 -3.70 8.62
CA ALA A 115 4.95 -4.82 8.30
C ALA A 115 5.75 -6.11 8.36
N GLY A 116 7.03 -6.04 8.01
CA GLY A 116 7.88 -7.21 8.04
C GLY A 116 8.07 -7.74 9.46
N LYS A 117 8.18 -6.84 10.43
CA LYS A 117 8.34 -7.25 11.82
C LYS A 117 7.11 -8.03 12.25
N ASP A 118 5.94 -7.50 11.89
CA ASP A 118 4.69 -8.14 12.27
C ASP A 118 4.51 -9.52 11.64
N VAL A 119 4.82 -9.66 10.36
CA VAL A 119 4.66 -10.95 9.72
C VAL A 119 5.59 -11.97 10.34
N TYR A 120 6.80 -11.56 10.68
CA TYR A 120 7.73 -12.50 11.30
C TYR A 120 7.11 -13.04 12.59
N ASN A 121 6.55 -12.15 13.42
CA ASN A 121 5.91 -12.58 14.65
C ASN A 121 4.76 -13.54 14.37
N PHE A 122 3.93 -13.22 13.38
CA PHE A 122 2.81 -14.10 13.04
C PHE A 122 3.30 -15.50 12.69
N LEU A 123 4.34 -15.59 11.87
CA LEU A 123 4.88 -16.89 11.48
C LEU A 123 5.41 -17.68 12.67
N GLU A 124 6.03 -17.00 13.63
CA GLU A 124 6.56 -17.66 14.82
C GLU A 124 5.39 -18.27 15.58
N LEU A 125 4.33 -17.49 15.77
CA LEU A 125 3.17 -17.97 16.48
C LEU A 125 2.53 -19.10 15.68
N PHE A 126 2.49 -18.94 14.36
CA PHE A 126 1.87 -19.95 13.52
C PHE A 126 2.51 -21.34 13.61
N PHE A 127 3.80 -21.42 13.29
CA PHE A 127 4.50 -22.69 13.34
C PHE A 127 4.59 -23.24 14.76
N ASP A 128 4.22 -22.40 15.72
CA ASP A 128 4.22 -22.80 17.13
C ASP A 128 2.91 -23.53 17.37
N GLN A 129 1.82 -22.98 16.80
CA GLN A 129 0.49 -23.55 16.92
C GLN A 129 0.32 -24.79 16.04
N PHE A 130 1.03 -24.83 14.92
CA PHE A 130 0.92 -25.97 14.00
C PHE A 130 2.29 -26.54 13.66
N PRO A 131 2.92 -27.22 14.63
CA PRO A 131 4.24 -27.81 14.38
C PRO A 131 4.20 -28.81 13.24
N GLU A 132 3.00 -29.33 12.96
CA GLU A 132 2.80 -30.30 11.90
C GLU A 132 3.30 -29.84 10.54
N TYR A 133 3.32 -28.53 10.32
CA TYR A 133 3.74 -28.01 9.03
C TYR A 133 5.23 -27.66 8.94
N VAL A 134 5.99 -28.12 9.92
CA VAL A 134 7.44 -27.92 9.95
C VAL A 134 8.15 -29.21 10.38
N ASN A 135 7.62 -29.85 11.41
CA ASN A 135 8.18 -31.10 11.94
C ASN A 135 8.71 -32.03 10.85
N LYS A 136 7.81 -32.46 9.97
CA LYS A 136 8.14 -33.37 8.88
C LYS A 136 9.12 -32.82 7.85
N GLY A 137 9.78 -31.71 8.18
CA GLY A 137 10.75 -31.11 7.29
C GLY A 137 10.26 -30.56 5.96
N GLN A 138 9.00 -30.15 5.88
CA GLN A 138 8.45 -29.59 4.63
C GLN A 138 9.07 -28.24 4.28
N ASP A 139 9.22 -27.96 2.99
CA ASP A 139 9.76 -26.68 2.57
C ASP A 139 8.70 -25.59 2.78
N PHE A 140 9.15 -24.37 3.07
CA PHE A 140 8.23 -23.26 3.26
C PHE A 140 8.57 -22.14 2.30
N HIS A 141 7.56 -21.68 1.57
CA HIS A 141 7.75 -20.59 0.61
C HIS A 141 6.87 -19.40 0.92
N ILE A 142 7.23 -18.25 0.37
CA ILE A 142 6.44 -17.04 0.54
C ILE A 142 6.17 -16.57 -0.87
N ALA A 143 4.90 -16.46 -1.23
CA ALA A 143 4.55 -16.01 -2.58
C ALA A 143 3.53 -14.89 -2.49
N GLY A 144 3.60 -13.97 -3.45
CA GLY A 144 2.69 -12.85 -3.47
C GLY A 144 2.78 -12.11 -4.79
N GLU A 145 1.89 -11.15 -4.99
CA GLU A 145 1.88 -10.39 -6.24
C GLU A 145 1.78 -8.90 -6.01
N SER A 146 2.02 -8.16 -7.09
CA SER A 146 1.90 -6.71 -7.07
C SER A 146 2.81 -5.99 -6.07
N TYR A 147 2.20 -5.28 -5.13
CA TYR A 147 2.98 -4.54 -4.15
C TYR A 147 3.75 -5.48 -3.24
N ALA A 148 3.43 -6.78 -3.30
CA ALA A 148 4.17 -7.74 -2.49
C ALA A 148 5.61 -7.73 -3.00
N GLY A 149 5.80 -7.07 -4.14
CA GLY A 149 7.12 -6.94 -4.72
C GLY A 149 7.95 -6.12 -3.75
N HIS A 150 7.26 -5.37 -2.87
CA HIS A 150 7.93 -4.59 -1.85
C HIS A 150 8.06 -5.53 -0.64
N TYR A 151 6.94 -6.11 -0.22
CA TYR A 151 6.91 -7.00 0.94
C TYR A 151 7.92 -8.15 0.94
N ILE A 152 7.75 -9.08 0.00
CA ILE A 152 8.59 -10.27 -0.07
C ILE A 152 10.09 -10.10 0.19
N PRO A 153 10.79 -9.30 -0.62
CA PRO A 153 12.22 -9.17 -0.34
C PRO A 153 12.50 -8.68 1.09
N VAL A 154 11.82 -7.65 1.54
CA VAL A 154 12.06 -7.16 2.90
C VAL A 154 11.67 -8.24 3.92
N PHE A 155 10.50 -8.84 3.72
CA PHE A 155 10.01 -9.89 4.61
C PHE A 155 11.02 -11.02 4.76
N ALA A 156 11.52 -11.51 3.62
CA ALA A 156 12.49 -12.60 3.63
C ALA A 156 13.73 -12.22 4.44
N SER A 157 14.19 -10.98 4.28
CA SER A 157 15.36 -10.52 5.01
C SER A 157 15.08 -10.52 6.51
N GLU A 158 13.93 -10.00 6.89
CA GLU A 158 13.57 -9.98 8.29
C GLU A 158 13.68 -11.37 8.90
N ILE A 159 13.02 -12.36 8.30
CA ILE A 159 13.07 -13.71 8.87
C ILE A 159 14.46 -14.36 8.87
N LEU A 160 15.27 -14.09 7.85
CA LEU A 160 16.61 -14.68 7.78
C LEU A 160 17.63 -14.04 8.72
N SER A 161 17.29 -12.91 9.33
CA SER A 161 18.21 -12.27 10.25
C SER A 161 18.03 -12.83 11.65
N HIS A 162 16.92 -13.54 11.87
CA HIS A 162 16.67 -14.15 13.16
C HIS A 162 17.34 -15.52 13.17
N LYS A 163 18.22 -15.73 14.14
CA LYS A 163 18.94 -16.99 14.25
C LYS A 163 18.12 -18.00 15.04
N ASP A 164 17.22 -17.49 15.86
CA ASP A 164 16.37 -18.30 16.72
C ASP A 164 15.00 -18.66 16.12
N ARG A 165 14.80 -18.39 14.84
CA ARG A 165 13.50 -18.68 14.22
C ARG A 165 13.15 -20.16 14.33
N ASN A 166 11.86 -20.47 14.41
CA ASN A 166 11.42 -21.86 14.52
C ASN A 166 10.97 -22.49 13.20
N PHE A 167 11.42 -21.93 12.09
CA PHE A 167 11.07 -22.46 10.77
C PHE A 167 12.10 -21.99 9.75
N ASN A 168 12.05 -22.53 8.53
CA ASN A 168 12.99 -22.12 7.50
C ASN A 168 12.29 -21.54 6.27
N LEU A 169 13.07 -20.83 5.45
CA LEU A 169 12.54 -20.21 4.24
C LEU A 169 13.24 -20.83 3.04
N THR A 170 12.50 -21.60 2.24
CA THR A 170 13.07 -22.27 1.08
C THR A 170 13.22 -21.39 -0.16
N SER A 171 12.23 -20.55 -0.45
CA SER A 171 12.28 -19.65 -1.60
C SER A 171 11.11 -18.68 -1.60
N VAL A 172 11.16 -17.72 -2.51
CA VAL A 172 10.08 -16.75 -2.62
C VAL A 172 9.69 -16.57 -4.08
N LEU A 173 8.40 -16.34 -4.31
CA LEU A 173 7.87 -16.14 -5.65
C LEU A 173 7.24 -14.75 -5.70
N ILE A 174 7.45 -14.04 -6.79
CA ILE A 174 6.89 -12.70 -6.94
C ILE A 174 6.34 -12.48 -8.32
N GLY A 175 5.01 -12.37 -8.42
CA GLY A 175 4.38 -12.13 -9.70
C GLY A 175 3.91 -10.69 -9.90
N ASN A 176 4.13 -10.17 -11.09
CA ASN A 176 3.76 -8.80 -11.46
C ASN A 176 3.89 -7.80 -10.31
N GLY A 177 5.08 -7.71 -9.75
CA GLY A 177 5.31 -6.82 -8.64
C GLY A 177 6.11 -5.57 -8.97
N LEU A 178 6.11 -4.65 -8.01
CA LEU A 178 6.87 -3.41 -8.10
C LEU A 178 7.98 -3.61 -7.08
N THR A 179 9.21 -3.75 -7.57
CA THR A 179 10.34 -4.02 -6.69
C THR A 179 11.49 -3.01 -6.82
N ASP A 180 11.77 -2.59 -8.05
CA ASP A 180 12.84 -1.65 -8.32
C ASP A 180 12.30 -0.51 -9.17
N PRO A 181 11.59 0.44 -8.53
CA PRO A 181 10.96 1.62 -9.14
C PRO A 181 11.83 2.39 -10.13
N LEU A 182 13.08 2.66 -9.74
CA LEU A 182 13.98 3.39 -10.59
C LEU A 182 14.08 2.74 -11.98
N THR A 183 14.16 1.42 -12.02
CA THR A 183 14.26 0.70 -13.29
C THR A 183 12.88 0.55 -13.94
N GLN A 184 11.94 -0.03 -13.19
CA GLN A 184 10.60 -0.26 -13.72
C GLN A 184 9.85 0.95 -14.27
N TYR A 185 10.04 2.12 -13.68
CA TYR A 185 9.32 3.29 -14.18
C TYR A 185 9.76 3.71 -15.59
N ASN A 186 10.79 3.04 -16.10
CA ASN A 186 11.29 3.31 -17.43
C ASN A 186 10.48 2.60 -18.51
N TYR A 187 9.65 1.64 -18.10
CA TYR A 187 8.89 0.86 -19.06
C TYR A 187 7.38 1.05 -19.16
N TYR A 188 6.86 2.15 -18.65
CA TYR A 188 5.44 2.36 -18.74
C TYR A 188 5.11 2.92 -20.12
N GLU A 189 5.98 3.77 -20.64
CA GLU A 189 5.80 4.37 -21.95
C GLU A 189 5.82 3.29 -23.02
N PRO A 190 6.93 2.52 -23.10
CA PRO A 190 6.94 1.49 -24.13
C PRO A 190 5.78 0.49 -24.02
N MET A 191 5.35 0.16 -22.81
CA MET A 191 4.26 -0.79 -22.64
C MET A 191 2.95 -0.21 -23.14
N ALA A 192 2.74 1.08 -22.89
CA ALA A 192 1.50 1.74 -23.30
C ALA A 192 1.53 2.25 -24.74
N CYS A 193 2.71 2.25 -25.36
CA CYS A 193 2.84 2.77 -26.71
C CYS A 193 3.23 1.76 -27.81
N GLY A 194 2.70 0.54 -27.70
CA GLY A 194 2.95 -0.49 -28.68
C GLY A 194 4.24 -1.27 -28.70
N GLU A 195 5.00 -1.26 -27.60
CA GLU A 195 6.27 -1.98 -27.58
C GLU A 195 6.34 -3.09 -26.53
N GLY A 196 5.19 -3.53 -26.05
CA GLY A 196 5.17 -4.58 -25.05
C GLY A 196 4.40 -5.81 -25.49
N GLY A 197 4.09 -5.88 -26.79
CA GLY A 197 3.39 -7.03 -27.32
C GLY A 197 1.92 -6.75 -27.56
N GLU A 198 1.54 -5.49 -27.42
CA GLU A 198 0.16 -5.11 -27.64
C GLU A 198 0.11 -3.76 -28.33
N PRO A 199 -0.88 -3.55 -29.19
CA PRO A 199 -1.04 -2.29 -29.92
C PRO A 199 -1.03 -1.10 -28.98
N SER A 200 -0.46 0.01 -29.42
CA SER A 200 -0.42 1.19 -28.56
C SER A 200 -1.84 1.53 -28.11
N VAL A 201 -1.98 2.06 -26.89
CA VAL A 201 -3.29 2.42 -26.35
C VAL A 201 -3.34 3.91 -26.08
N LEU A 202 -2.23 4.59 -26.31
CA LEU A 202 -2.13 6.02 -26.08
C LEU A 202 -1.76 6.76 -27.36
N PRO A 203 -2.43 7.90 -27.62
CA PRO A 203 -2.12 8.67 -28.83
C PRO A 203 -0.68 9.15 -28.77
N SER A 204 -0.06 9.32 -29.94
CA SER A 204 1.34 9.75 -29.98
C SER A 204 1.69 10.94 -29.09
N GLU A 205 0.89 11.99 -29.12
CA GLU A 205 1.16 13.17 -28.29
C GLU A 205 1.39 12.83 -26.82
N GLU A 206 0.64 11.85 -26.31
CA GLU A 206 0.77 11.42 -24.92
C GLU A 206 2.08 10.66 -24.70
N CYS A 207 2.37 9.71 -25.58
CA CYS A 207 3.60 8.93 -25.45
C CYS A 207 4.83 9.82 -25.39
N SER A 208 4.80 10.92 -26.15
CA SER A 208 5.91 11.86 -26.19
C SER A 208 5.96 12.60 -24.88
N ALA A 209 4.80 13.03 -24.40
CA ALA A 209 4.71 13.75 -23.15
C ALA A 209 5.38 12.91 -22.06
N MET A 210 5.05 11.62 -22.04
CA MET A 210 5.62 10.70 -21.07
C MET A 210 7.14 10.63 -21.18
N GLU A 211 7.66 10.69 -22.40
CA GLU A 211 9.11 10.62 -22.58
C GLU A 211 9.80 11.85 -22.00
N ASP A 212 9.20 13.02 -22.22
CA ASP A 212 9.79 14.26 -21.73
C ASP A 212 9.89 14.33 -20.23
N SER A 213 8.83 13.93 -19.54
CA SER A 213 8.81 13.95 -18.08
C SER A 213 9.54 12.77 -17.44
N LEU A 214 9.95 11.81 -18.24
CA LEU A 214 10.64 10.64 -17.70
C LEU A 214 11.88 10.98 -16.86
N GLU A 215 12.76 11.79 -17.43
CA GLU A 215 14.00 12.21 -16.75
C GLU A 215 13.74 12.77 -15.35
N ARG A 216 12.86 13.77 -15.28
CA ARG A 216 12.54 14.39 -14.01
C ARG A 216 12.09 13.34 -13.01
N CYS A 217 11.15 12.49 -13.42
CA CYS A 217 10.66 11.45 -12.54
C CYS A 217 11.81 10.59 -12.01
N LEU A 218 12.59 10.02 -12.92
CA LEU A 218 13.70 9.16 -12.53
C LEU A 218 14.65 9.87 -11.54
N GLY A 219 14.93 11.14 -11.80
CA GLY A 219 15.82 11.88 -10.91
C GLY A 219 15.25 11.89 -9.51
N LEU A 220 13.96 12.16 -9.41
CA LEU A 220 13.30 12.19 -8.10
C LEU A 220 13.36 10.82 -7.43
N ILE A 221 13.17 9.76 -8.21
CA ILE A 221 13.23 8.43 -7.63
C ILE A 221 14.64 8.17 -7.09
N GLU A 222 15.65 8.60 -7.84
CA GLU A 222 17.03 8.40 -7.42
C GLU A 222 17.29 9.13 -6.11
N SER A 223 16.70 10.31 -6.00
CA SER A 223 16.84 11.11 -4.80
C SER A 223 16.24 10.38 -3.60
N CYS A 224 15.11 9.73 -3.80
CA CYS A 224 14.46 8.97 -2.74
C CYS A 224 15.36 7.80 -2.39
N TYR A 225 15.91 7.17 -3.42
CA TYR A 225 16.80 6.03 -3.23
C TYR A 225 17.97 6.41 -2.33
N ASP A 226 18.49 7.62 -2.54
CA ASP A 226 19.64 8.08 -1.79
C ASP A 226 19.39 8.55 -0.37
N SER A 227 18.27 9.21 -0.12
CA SER A 227 17.97 9.71 1.22
C SER A 227 16.91 8.93 1.96
N GLN A 228 16.11 8.15 1.22
CA GLN A 228 15.04 7.36 1.83
C GLN A 228 14.22 8.17 2.85
N SER A 229 13.89 9.40 2.50
CA SER A 229 13.13 10.25 3.39
C SER A 229 11.77 10.63 2.80
N VAL A 230 10.90 11.11 3.67
CA VAL A 230 9.56 11.51 3.24
C VAL A 230 9.72 12.65 2.24
N TRP A 231 10.44 13.68 2.66
CA TRP A 231 10.70 14.88 1.85
C TRP A 231 11.06 14.56 0.39
N SER A 232 11.77 13.46 0.19
CA SER A 232 12.22 13.08 -1.13
C SER A 232 11.37 12.01 -1.82
N CYS A 233 10.91 11.04 -1.05
CA CYS A 233 10.12 9.94 -1.59
C CYS A 233 8.66 10.25 -1.90
N VAL A 234 8.00 11.03 -1.06
CA VAL A 234 6.60 11.35 -1.31
C VAL A 234 6.45 12.16 -2.61
N PRO A 235 7.23 13.25 -2.76
CA PRO A 235 7.13 14.04 -3.99
C PRO A 235 7.41 13.17 -5.23
N ALA A 236 8.42 12.30 -5.12
CA ALA A 236 8.79 11.41 -6.20
C ALA A 236 7.58 10.57 -6.62
N THR A 237 6.82 10.09 -5.63
CA THR A 237 5.64 9.28 -5.94
C THR A 237 4.60 10.11 -6.68
N ILE A 238 4.34 11.31 -6.18
CA ILE A 238 3.35 12.17 -6.80
C ILE A 238 3.70 12.55 -8.24
N TYR A 239 4.93 12.99 -8.46
CA TYR A 239 5.34 13.39 -9.80
C TYR A 239 5.33 12.25 -10.80
N CYS A 240 5.97 11.14 -10.47
CA CYS A 240 6.03 9.99 -11.37
C CYS A 240 4.67 9.36 -11.68
N ASN A 241 3.86 9.16 -10.66
CA ASN A 241 2.56 8.54 -10.89
C ASN A 241 1.66 9.39 -11.76
N ASN A 242 1.81 10.71 -11.67
CA ASN A 242 0.96 11.60 -12.47
C ASN A 242 1.49 11.66 -13.90
N ALA A 243 2.80 11.64 -14.02
CA ALA A 243 3.45 11.69 -15.32
C ALA A 243 3.40 10.37 -16.08
N GLN A 244 3.71 9.27 -15.40
CA GLN A 244 3.75 7.96 -16.07
C GLN A 244 2.52 7.07 -15.99
N LEU A 245 1.71 7.21 -14.94
CA LEU A 245 0.52 6.36 -14.79
C LEU A 245 -0.82 7.02 -15.15
N ALA A 246 -0.97 8.30 -14.80
CA ALA A 246 -2.21 9.04 -15.04
C ALA A 246 -2.73 9.05 -16.48
N PRO A 247 -1.86 9.30 -17.47
CA PRO A 247 -2.31 9.31 -18.86
C PRO A 247 -3.05 8.02 -19.23
N TYR A 248 -2.39 6.90 -18.99
CA TYR A 248 -2.97 5.58 -19.27
C TYR A 248 -4.32 5.45 -18.56
N GLN A 249 -4.35 5.80 -17.28
CA GLN A 249 -5.59 5.67 -16.52
C GLN A 249 -6.75 6.52 -17.04
N ARG A 250 -6.44 7.72 -17.51
CA ARG A 250 -7.48 8.60 -18.02
C ARG A 250 -8.20 8.06 -19.25
N THR A 251 -7.61 7.10 -19.94
CA THR A 251 -8.23 6.52 -21.14
C THR A 251 -9.32 5.53 -20.76
N GLY A 252 -9.44 5.24 -19.48
CA GLY A 252 -10.45 4.29 -19.04
C GLY A 252 -10.01 2.85 -19.19
N ARG A 253 -8.77 2.67 -19.64
CA ARG A 253 -8.19 1.35 -19.83
C ARG A 253 -7.85 0.70 -18.47
N ASN A 254 -7.90 -0.64 -18.41
CA ASN A 254 -7.61 -1.38 -17.18
C ASN A 254 -6.11 -1.40 -16.89
N VAL A 255 -5.69 -0.91 -15.72
CA VAL A 255 -4.27 -0.91 -15.39
C VAL A 255 -3.76 -2.32 -15.09
N TYR A 256 -4.68 -3.27 -14.93
CA TYR A 256 -4.32 -4.64 -14.64
C TYR A 256 -4.31 -5.55 -15.88
N ASP A 257 -4.99 -5.12 -16.94
CA ASP A 257 -5.05 -5.90 -18.17
C ASP A 257 -5.22 -4.93 -19.33
N ILE A 258 -4.14 -4.69 -20.06
CA ILE A 258 -4.13 -3.76 -21.19
C ILE A 258 -5.15 -4.05 -22.31
N ARG A 259 -5.69 -5.26 -22.31
CA ARG A 259 -6.67 -5.65 -23.31
C ARG A 259 -8.09 -5.27 -22.91
N LYS A 260 -8.27 -4.88 -21.64
CA LYS A 260 -9.60 -4.54 -21.14
C LYS A 260 -9.79 -3.11 -20.67
N ASP A 261 -11.04 -2.77 -20.41
CA ASP A 261 -11.36 -1.46 -19.90
C ASP A 261 -11.66 -1.64 -18.43
N CYS A 262 -11.27 -0.67 -17.62
CA CYS A 262 -11.53 -0.75 -16.21
C CYS A 262 -13.01 -0.58 -15.99
N GLU A 263 -13.67 -1.62 -15.49
CA GLU A 263 -15.11 -1.55 -15.26
C GLU A 263 -15.49 -2.13 -13.91
N GLY A 264 -16.34 -1.41 -13.19
CA GLY A 264 -16.79 -1.89 -11.89
C GLY A 264 -16.35 -1.03 -10.73
N GLY A 265 -15.76 -1.67 -9.72
CA GLY A 265 -15.31 -0.94 -8.55
C GLY A 265 -13.95 -0.27 -8.67
N ASN A 266 -13.32 -0.08 -7.51
CA ASN A 266 -12.02 0.56 -7.45
C ASN A 266 -10.95 -0.36 -7.99
N LEU A 267 -11.32 -1.60 -8.28
CA LEU A 267 -10.34 -2.57 -8.77
C LEU A 267 -10.53 -3.06 -10.20
N CYS A 268 -11.52 -2.50 -10.90
CA CYS A 268 -11.78 -2.85 -12.29
C CYS A 268 -12.31 -4.24 -12.62
N TYR A 269 -12.53 -5.06 -11.61
CA TYR A 269 -13.06 -6.41 -11.85
C TYR A 269 -14.35 -6.53 -11.05
N PRO A 270 -15.51 -6.29 -11.71
CA PRO A 270 -16.85 -6.36 -11.12
C PRO A 270 -17.08 -7.54 -10.20
N THR A 271 -16.61 -8.70 -10.62
CA THR A 271 -16.76 -9.92 -9.85
C THR A 271 -16.18 -9.91 -8.43
N LEU A 272 -15.16 -9.08 -8.17
CA LEU A 272 -14.60 -9.07 -6.82
C LEU A 272 -15.68 -8.77 -5.80
N GLN A 273 -16.66 -7.97 -6.22
CA GLN A 273 -17.78 -7.60 -5.37
C GLN A 273 -18.46 -8.85 -4.81
N ASP A 274 -18.61 -9.86 -5.66
CA ASP A 274 -19.21 -11.10 -5.24
C ASP A 274 -18.54 -11.72 -4.03
N ILE A 275 -17.22 -11.77 -4.00
CA ILE A 275 -16.58 -12.35 -2.83
C ILE A 275 -16.77 -11.44 -1.61
N ASP A 276 -16.82 -10.14 -1.83
CA ASP A 276 -17.04 -9.20 -0.72
C ASP A 276 -18.42 -9.50 -0.10
N ASP A 277 -19.42 -9.72 -0.94
CA ASP A 277 -20.74 -10.02 -0.41
C ASP A 277 -20.77 -11.39 0.27
N TYR A 278 -20.00 -12.33 -0.26
CA TYR A 278 -19.97 -13.67 0.32
C TYR A 278 -19.34 -13.61 1.72
N LEU A 279 -18.22 -12.91 1.86
CA LEU A 279 -17.54 -12.79 3.14
C LEU A 279 -18.28 -11.97 4.18
N ASN A 280 -19.26 -11.19 3.74
CA ASN A 280 -20.03 -10.36 4.67
C ASN A 280 -21.32 -11.01 5.15
N GLN A 281 -21.59 -12.23 4.70
CA GLN A 281 -22.80 -12.92 5.14
C GLN A 281 -22.70 -13.30 6.62
N ASP A 282 -23.85 -13.29 7.29
CA ASP A 282 -23.92 -13.62 8.71
C ASP A 282 -23.32 -15.00 9.05
N TYR A 283 -23.71 -16.03 8.30
CA TYR A 283 -23.21 -17.36 8.59
C TYR A 283 -21.75 -17.58 8.23
N VAL A 284 -21.27 -16.88 7.20
CA VAL A 284 -19.87 -17.03 6.81
C VAL A 284 -18.97 -16.36 7.85
N LYS A 285 -19.29 -15.13 8.24
CA LYS A 285 -18.49 -14.44 9.25
C LYS A 285 -18.38 -15.27 10.51
N GLU A 286 -19.53 -15.80 10.95
CA GLU A 286 -19.56 -16.63 12.16
C GLU A 286 -18.72 -17.90 12.01
N ALA A 287 -18.99 -18.67 10.96
CA ALA A 287 -18.28 -19.91 10.72
C ALA A 287 -16.77 -19.70 10.68
N VAL A 288 -16.37 -18.51 10.26
CA VAL A 288 -14.97 -18.21 10.13
C VAL A 288 -14.35 -17.61 11.40
N GLY A 289 -15.21 -17.17 12.32
CA GLY A 289 -14.72 -16.58 13.56
C GLY A 289 -14.25 -15.15 13.43
N ALA A 290 -14.79 -14.44 12.46
CA ALA A 290 -14.38 -13.06 12.24
C ALA A 290 -14.71 -12.21 13.46
N GLU A 291 -13.77 -11.34 13.83
CA GLU A 291 -13.98 -10.46 14.97
C GLU A 291 -14.13 -9.03 14.48
N VAL A 292 -14.31 -8.89 13.17
CA VAL A 292 -14.49 -7.59 12.56
C VAL A 292 -15.89 -7.58 11.95
N ASP A 293 -16.60 -6.47 12.11
CA ASP A 293 -17.96 -6.35 11.62
C ASP A 293 -18.18 -6.36 10.09
N HIS A 294 -17.42 -5.54 9.37
CA HIS A 294 -17.57 -5.44 7.92
C HIS A 294 -16.28 -5.81 7.19
N TYR A 295 -16.39 -6.64 6.16
CA TYR A 295 -15.22 -7.03 5.40
C TYR A 295 -15.09 -6.25 4.10
N GLU A 296 -13.86 -5.94 3.72
CA GLU A 296 -13.56 -5.20 2.49
C GLU A 296 -12.32 -5.78 1.83
N SER A 297 -12.33 -5.85 0.50
CA SER A 297 -11.19 -6.37 -0.25
C SER A 297 -9.93 -5.60 0.07
N CYS A 298 -9.98 -4.27 -0.01
CA CYS A 298 -8.80 -3.48 0.33
C CYS A 298 -9.16 -2.40 1.34
N ASN A 299 -8.17 -1.98 2.10
CA ASN A 299 -8.35 -0.92 3.07
C ASN A 299 -7.55 0.23 2.46
N PHE A 300 -8.25 1.25 1.96
CA PHE A 300 -7.58 2.36 1.34
C PHE A 300 -6.95 3.37 2.26
N ASP A 301 -7.21 3.24 3.55
CA ASP A 301 -6.57 4.12 4.51
C ASP A 301 -5.12 3.66 4.63
N ILE A 302 -4.90 2.36 4.88
CA ILE A 302 -3.52 1.89 5.02
C ILE A 302 -2.80 2.03 3.68
N ASN A 303 -3.56 2.04 2.60
CA ASN A 303 -3.00 2.22 1.26
C ASN A 303 -2.42 3.65 1.21
N ARG A 304 -3.21 4.61 1.69
CA ARG A 304 -2.76 6.00 1.71
C ARG A 304 -1.67 6.19 2.76
N ASN A 305 -1.75 5.41 3.83
CA ASN A 305 -0.73 5.52 4.87
C ASN A 305 0.63 5.24 4.24
N PHE A 306 0.73 4.13 3.50
CA PHE A 306 1.99 3.81 2.87
C PHE A 306 2.41 4.88 1.88
N LEU A 307 1.47 5.35 1.07
CA LEU A 307 1.75 6.38 0.07
C LEU A 307 2.31 7.66 0.66
N PHE A 308 1.60 8.22 1.63
CA PHE A 308 2.03 9.48 2.24
C PHE A 308 3.19 9.31 3.21
N ALA A 309 3.72 8.10 3.31
CA ALA A 309 4.85 7.83 4.18
C ALA A 309 6.09 7.63 3.30
N GLY A 310 5.87 7.65 1.98
CA GLY A 310 6.97 7.49 1.03
C GLY A 310 7.49 6.08 0.77
N ASP A 311 6.70 5.08 1.14
CA ASP A 311 7.13 3.68 0.96
C ASP A 311 7.16 3.21 -0.48
N TRP A 312 6.32 3.81 -1.31
CA TRP A 312 6.21 3.42 -2.71
C TRP A 312 7.53 3.43 -3.50
N MET A 313 8.32 4.48 -3.35
CA MET A 313 9.58 4.58 -4.10
C MET A 313 10.88 4.14 -3.42
N LYS A 314 10.78 3.44 -2.28
CA LYS A 314 12.00 3.00 -1.59
C LYS A 314 12.75 1.94 -2.39
N PRO A 315 14.09 1.87 -2.21
CA PRO A 315 14.97 0.91 -2.91
C PRO A 315 15.02 -0.46 -2.23
N TYR A 316 13.87 -1.10 -2.08
CA TYR A 316 13.81 -2.41 -1.44
C TYR A 316 14.42 -3.51 -2.30
N HIS A 317 14.65 -3.23 -3.58
CA HIS A 317 15.24 -4.25 -4.45
C HIS A 317 16.63 -4.66 -3.95
N THR A 318 17.33 -3.75 -3.26
CA THR A 318 18.65 -4.09 -2.76
C THR A 318 18.58 -5.31 -1.86
N ALA A 319 17.42 -5.58 -1.27
CA ALA A 319 17.28 -6.76 -0.41
C ALA A 319 17.36 -8.02 -1.25
N VAL A 320 16.94 -7.93 -2.50
CA VAL A 320 17.01 -9.10 -3.38
C VAL A 320 18.46 -9.51 -3.58
N THR A 321 19.35 -8.55 -3.73
CA THR A 321 20.77 -8.85 -3.90
C THR A 321 21.29 -9.66 -2.71
N ASP A 322 20.98 -9.21 -1.50
CA ASP A 322 21.41 -9.92 -0.31
C ASP A 322 20.90 -11.35 -0.38
N LEU A 323 19.59 -11.50 -0.55
CA LEU A 323 18.98 -12.82 -0.61
C LEU A 323 19.66 -13.72 -1.65
N LEU A 324 19.73 -13.26 -2.90
CA LEU A 324 20.38 -14.05 -3.96
C LEU A 324 21.81 -14.43 -3.58
N ASN A 325 22.56 -13.49 -3.02
CA ASN A 325 23.94 -13.77 -2.64
C ASN A 325 24.01 -14.86 -1.58
N GLN A 326 22.92 -15.03 -0.83
CA GLN A 326 22.85 -16.05 0.20
C GLN A 326 22.27 -17.35 -0.35
N ASP A 327 22.11 -17.43 -1.67
CA ASP A 327 21.59 -18.63 -2.31
C ASP A 327 20.11 -18.94 -2.08
N LEU A 328 19.30 -17.93 -1.80
CA LEU A 328 17.87 -18.13 -1.60
C LEU A 328 17.22 -18.12 -2.98
N PRO A 329 16.60 -19.23 -3.40
CA PRO A 329 15.97 -19.23 -4.73
C PRO A 329 14.85 -18.19 -4.83
N ILE A 330 14.80 -17.47 -5.94
CA ILE A 330 13.78 -16.46 -6.15
C ILE A 330 13.20 -16.57 -7.55
N LEU A 331 11.87 -16.57 -7.63
CA LEU A 331 11.18 -16.63 -8.90
C LEU A 331 10.41 -15.33 -9.12
N VAL A 332 10.76 -14.61 -10.18
CA VAL A 332 10.09 -13.36 -10.51
C VAL A 332 9.32 -13.61 -11.79
N TYR A 333 7.99 -13.70 -11.69
CA TYR A 333 7.15 -13.94 -12.87
C TYR A 333 6.16 -12.80 -13.11
N ALA A 334 5.79 -12.58 -14.37
CA ALA A 334 4.86 -11.52 -14.70
C ALA A 334 4.06 -11.80 -15.97
N GLY A 335 2.74 -11.59 -15.91
CA GLY A 335 1.92 -11.78 -17.08
C GLY A 335 2.22 -10.65 -18.05
N ASP A 336 2.33 -10.95 -19.35
CA ASP A 336 2.66 -9.92 -20.34
C ASP A 336 1.52 -8.98 -20.74
N LYS A 337 0.35 -9.10 -20.12
CA LYS A 337 -0.77 -8.23 -20.47
C LYS A 337 -1.06 -7.18 -19.41
N ASP A 338 -0.37 -7.28 -18.28
CA ASP A 338 -0.53 -6.32 -17.19
C ASP A 338 0.16 -5.02 -17.59
N PHE A 339 -0.29 -3.91 -17.02
CA PHE A 339 0.33 -2.64 -17.35
C PHE A 339 1.07 -2.00 -16.18
N ILE A 340 0.39 -1.91 -15.02
CA ILE A 340 0.96 -1.26 -13.86
C ILE A 340 2.20 -1.92 -13.26
N CYS A 341 2.41 -3.20 -13.60
CA CYS A 341 3.58 -3.93 -13.13
C CYS A 341 3.95 -4.83 -14.29
N ASN A 342 3.96 -4.25 -15.48
CA ASN A 342 4.25 -4.99 -16.72
C ASN A 342 5.52 -5.85 -16.70
N TRP A 343 5.60 -6.76 -17.67
CA TRP A 343 6.72 -7.66 -17.78
C TRP A 343 8.01 -7.02 -18.26
N LEU A 344 7.90 -5.92 -19.01
CA LEU A 344 9.10 -5.24 -19.49
C LEU A 344 9.87 -4.72 -18.30
N GLY A 345 9.18 -3.98 -17.44
CA GLY A 345 9.83 -3.43 -16.27
C GLY A 345 10.40 -4.53 -15.39
N ASN A 346 9.67 -5.63 -15.23
CA ASN A 346 10.13 -6.74 -14.40
C ASN A 346 11.32 -7.51 -14.97
N LYS A 347 11.42 -7.54 -16.29
CA LYS A 347 12.54 -8.22 -16.92
C LYS A 347 13.75 -7.28 -16.83
N ALA A 348 13.49 -5.99 -16.88
CA ALA A 348 14.56 -5.00 -16.81
C ALA A 348 15.32 -4.97 -15.47
N TRP A 349 14.62 -4.84 -14.35
CA TRP A 349 15.34 -4.78 -13.09
C TRP A 349 15.97 -6.14 -12.79
N THR A 350 15.42 -7.17 -13.41
CA THR A 350 15.94 -8.51 -13.20
C THR A 350 17.23 -8.73 -14.00
N ASP A 351 17.36 -8.08 -15.14
CA ASP A 351 18.54 -8.21 -15.99
C ASP A 351 19.73 -7.39 -15.49
N VAL A 352 19.48 -6.33 -14.74
CA VAL A 352 20.56 -5.47 -14.28
C VAL A 352 20.85 -5.52 -12.79
N LEU A 353 20.07 -6.28 -12.05
CA LEU A 353 20.28 -6.37 -10.61
C LEU A 353 21.68 -6.88 -10.32
N PRO A 354 22.41 -6.24 -9.40
CA PRO A 354 23.76 -6.72 -9.12
C PRO A 354 23.71 -7.85 -8.09
N TRP A 355 24.53 -8.88 -8.31
CA TRP A 355 24.65 -10.01 -7.40
C TRP A 355 25.79 -10.89 -7.90
N LYS A 356 26.25 -11.83 -7.08
CA LYS A 356 27.38 -12.64 -7.48
C LYS A 356 27.34 -13.27 -8.87
N TYR A 357 26.15 -13.63 -9.35
CA TYR A 357 26.08 -14.23 -10.68
C TYR A 357 25.38 -13.34 -11.71
N ASP A 358 25.35 -12.04 -11.48
CA ASP A 358 24.68 -11.14 -12.42
C ASP A 358 25.22 -11.23 -13.85
N GLU A 359 26.46 -11.66 -14.00
CA GLU A 359 27.07 -11.77 -15.32
C GLU A 359 26.58 -12.98 -16.07
N GLU A 360 26.56 -14.11 -15.40
CA GLU A 360 26.12 -15.36 -16.01
C GLU A 360 24.63 -15.30 -16.31
N PHE A 361 23.89 -14.56 -15.48
CA PHE A 361 22.45 -14.42 -15.66
C PHE A 361 22.16 -13.58 -16.90
N ALA A 362 22.76 -12.40 -16.95
CA ALA A 362 22.57 -11.51 -18.07
C ALA A 362 22.94 -12.21 -19.38
N SER A 363 23.93 -13.09 -19.32
CA SER A 363 24.38 -13.83 -20.49
C SER A 363 23.37 -14.86 -20.96
N GLN A 364 22.75 -15.57 -20.01
CA GLN A 364 21.76 -16.59 -20.34
C GLN A 364 20.79 -16.11 -21.42
N LYS A 365 20.42 -17.02 -22.31
CA LYS A 365 19.51 -16.69 -23.39
C LYS A 365 18.09 -17.09 -22.98
N VAL A 366 17.11 -16.26 -23.29
CA VAL A 366 15.73 -16.59 -22.91
C VAL A 366 15.29 -17.76 -23.77
N ARG A 367 14.59 -18.71 -23.15
CA ARG A 367 14.11 -19.87 -23.88
C ARG A 367 12.61 -20.03 -23.68
N ASN A 368 11.99 -20.95 -24.42
CA ASN A 368 10.56 -21.16 -24.26
C ASN A 368 10.28 -22.03 -23.06
N TRP A 369 9.19 -21.72 -22.38
CA TRP A 369 8.77 -22.49 -21.22
C TRP A 369 7.49 -23.23 -21.54
N THR A 370 7.52 -24.55 -21.41
CA THR A 370 6.36 -25.39 -21.67
C THR A 370 5.73 -25.76 -20.34
N ALA A 371 4.46 -25.41 -20.17
CA ALA A 371 3.73 -25.74 -18.95
C ALA A 371 3.55 -27.25 -18.94
N SER A 372 3.85 -27.87 -17.80
CA SER A 372 3.71 -29.32 -17.69
C SER A 372 2.27 -29.79 -17.81
N ILE A 373 1.36 -29.14 -17.08
CA ILE A 373 -0.04 -29.53 -17.10
C ILE A 373 -0.65 -29.48 -18.50
N THR A 374 -0.55 -28.32 -19.15
CA THR A 374 -1.14 -28.10 -20.46
C THR A 374 -0.28 -28.46 -21.65
N ASP A 375 1.03 -28.50 -21.43
CA ASP A 375 1.97 -28.84 -22.49
C ASP A 375 2.03 -27.74 -23.54
N GLU A 376 1.56 -26.55 -23.16
CA GLU A 376 1.59 -25.40 -24.08
C GLU A 376 2.87 -24.61 -23.85
N VAL A 377 3.33 -23.90 -24.88
CA VAL A 377 4.49 -23.04 -24.71
C VAL A 377 3.82 -21.84 -24.06
N ALA A 378 3.88 -21.80 -22.72
CA ALA A 378 3.21 -20.77 -21.95
C ALA A 378 4.00 -19.50 -21.64
N GLY A 379 5.27 -19.46 -22.01
CA GLY A 379 6.05 -18.27 -21.73
C GLY A 379 7.52 -18.34 -22.07
N GLU A 380 8.26 -17.33 -21.68
CA GLU A 380 9.69 -17.27 -21.95
C GLU A 380 10.42 -17.19 -20.62
N VAL A 381 11.38 -18.09 -20.43
CA VAL A 381 12.17 -18.13 -19.21
C VAL A 381 13.58 -17.65 -19.42
N LYS A 382 14.24 -17.39 -18.31
CA LYS A 382 15.62 -16.97 -18.28
C LYS A 382 16.02 -17.20 -16.84
N SER A 383 16.94 -18.13 -16.65
CA SER A 383 17.40 -18.43 -15.31
C SER A 383 18.82 -18.94 -15.30
N TYR A 384 19.48 -18.73 -14.17
CA TYR A 384 20.84 -19.18 -13.97
C TYR A 384 20.90 -19.47 -12.49
N LYS A 385 21.32 -20.69 -12.16
CA LYS A 385 21.39 -21.07 -10.76
C LYS A 385 20.02 -20.91 -10.13
N HIS A 386 19.95 -20.17 -9.03
CA HIS A 386 18.70 -19.97 -8.31
C HIS A 386 17.95 -18.67 -8.57
N PHE A 387 18.13 -18.08 -9.74
CA PHE A 387 17.42 -16.85 -10.09
C PHE A 387 16.69 -17.12 -11.40
N THR A 388 15.37 -16.93 -11.39
CA THR A 388 14.57 -17.20 -12.57
C THR A 388 13.56 -16.10 -12.85
N TYR A 389 13.44 -15.71 -14.12
CA TYR A 389 12.47 -14.70 -14.52
C TYR A 389 11.54 -15.30 -15.56
N LEU A 390 10.24 -15.30 -15.26
CA LEU A 390 9.27 -15.87 -16.18
C LEU A 390 8.24 -14.90 -16.74
N ARG A 391 8.19 -14.83 -18.06
CA ARG A 391 7.21 -13.99 -18.72
C ARG A 391 6.03 -14.94 -19.02
N VAL A 392 4.85 -14.65 -18.47
CA VAL A 392 3.71 -15.52 -18.70
C VAL A 392 2.80 -14.99 -19.81
N PHE A 393 2.67 -15.76 -20.89
CA PHE A 393 1.83 -15.36 -22.03
C PHE A 393 0.36 -15.26 -21.66
N ASN A 394 -0.29 -14.22 -22.15
CA ASN A 394 -1.73 -13.98 -21.95
C ASN A 394 -2.18 -13.91 -20.51
N GLY A 395 -1.35 -13.29 -19.67
CA GLY A 395 -1.68 -13.13 -18.28
C GLY A 395 -1.69 -11.66 -17.94
N GLY A 396 -2.65 -11.24 -17.12
CA GLY A 396 -2.71 -9.85 -16.72
C GLY A 396 -2.02 -9.72 -15.38
N HIS A 397 -2.43 -8.72 -14.61
CA HIS A 397 -1.86 -8.49 -13.29
C HIS A 397 -1.99 -9.71 -12.40
N MET A 398 -3.12 -10.41 -12.51
CA MET A 398 -3.36 -11.59 -11.70
C MET A 398 -3.30 -12.85 -12.55
N VAL A 399 -2.08 -13.29 -12.82
CA VAL A 399 -1.83 -14.47 -13.63
C VAL A 399 -2.77 -15.67 -13.45
N PRO A 400 -2.88 -16.22 -12.23
CA PRO A 400 -3.76 -17.39 -12.00
C PRO A 400 -5.20 -17.23 -12.50
N PHE A 401 -5.71 -16.01 -12.43
CA PHE A 401 -7.06 -15.72 -12.86
C PHE A 401 -7.19 -15.82 -14.39
N ASP A 402 -6.14 -15.48 -15.12
CA ASP A 402 -6.19 -15.52 -16.58
C ASP A 402 -5.79 -16.85 -17.19
N VAL A 403 -4.81 -17.51 -16.57
CA VAL A 403 -4.30 -18.79 -17.04
C VAL A 403 -4.07 -19.67 -15.81
N PRO A 404 -5.17 -20.17 -15.23
CA PRO A 404 -5.09 -21.02 -14.05
C PRO A 404 -4.26 -22.28 -14.18
N GLU A 405 -4.37 -22.98 -15.31
CA GLU A 405 -3.62 -24.22 -15.52
C GLU A 405 -2.13 -23.99 -15.70
N ASN A 406 -1.76 -23.00 -16.50
CA ASN A 406 -0.37 -22.71 -16.72
C ASN A 406 0.24 -22.20 -15.41
N ALA A 407 -0.54 -21.43 -14.66
CA ALA A 407 -0.08 -20.89 -13.39
C ALA A 407 0.22 -22.02 -12.40
N LEU A 408 -0.64 -23.03 -12.37
CA LEU A 408 -0.43 -24.15 -11.46
C LEU A 408 0.82 -24.93 -11.90
N SER A 409 1.04 -24.98 -13.22
CA SER A 409 2.20 -25.68 -13.73
C SER A 409 3.46 -24.98 -13.23
N MET A 410 3.45 -23.65 -13.31
CA MET A 410 4.58 -22.82 -12.89
C MET A 410 4.94 -23.04 -11.43
N VAL A 411 3.99 -22.84 -10.52
CA VAL A 411 4.28 -23.01 -9.10
C VAL A 411 4.72 -24.45 -8.76
N ASN A 412 4.09 -25.45 -9.36
CA ASN A 412 4.47 -26.84 -9.08
C ASN A 412 5.86 -27.22 -9.61
N GLU A 413 6.19 -26.77 -10.82
CA GLU A 413 7.50 -27.07 -11.38
C GLU A 413 8.57 -26.39 -10.53
N TRP A 414 8.18 -25.32 -9.84
CA TRP A 414 9.11 -24.59 -9.00
C TRP A 414 9.20 -25.24 -7.63
N ILE A 415 8.06 -25.42 -6.99
CA ILE A 415 7.98 -26.01 -5.67
C ILE A 415 8.41 -27.48 -5.65
N HIS A 416 8.11 -28.22 -6.72
CA HIS A 416 8.45 -29.63 -6.79
C HIS A 416 9.57 -29.93 -7.78
N GLY A 417 9.88 -28.96 -8.64
CA GLY A 417 10.91 -29.19 -9.65
C GLY A 417 12.28 -28.64 -9.33
N GLY A 418 12.62 -28.55 -8.04
CA GLY A 418 13.92 -28.06 -7.66
C GLY A 418 14.22 -26.60 -7.98
N PHE A 419 13.21 -25.74 -7.85
CA PHE A 419 13.38 -24.30 -8.09
C PHE A 419 14.07 -23.95 -9.39
N SER A 420 13.60 -24.54 -10.47
CA SER A 420 14.18 -24.26 -11.78
C SER A 420 13.16 -24.55 -12.88
N LEU A 421 12.82 -23.52 -13.65
CA LEU A 421 11.88 -23.67 -14.74
C LEU A 421 12.63 -23.93 -16.03
N MET B 2 -3.32 -0.73 -6.21
CA MET B 2 -2.37 0.15 -6.86
C MET B 2 -3.09 1.12 -7.79
N ASN B 3 -4.33 0.77 -8.10
CA ASN B 3 -5.16 1.59 -8.96
C ASN B 3 -5.42 2.94 -8.27
N GLN B 4 -5.55 2.93 -6.95
CA GLN B 4 -5.85 4.13 -6.18
C GLN B 4 -4.66 5.04 -5.88
N ALA B 5 -3.46 4.60 -6.24
CA ALA B 5 -2.27 5.40 -5.97
C ALA B 5 -1.85 6.33 -7.11
N ILE B 6 -2.71 6.50 -8.11
CA ILE B 6 -2.36 7.36 -9.24
C ILE B 6 -2.64 8.85 -8.98
N ASP B 7 -3.88 9.16 -8.61
CA ASP B 7 -4.31 10.52 -8.37
C ASP B 7 -4.26 10.94 -6.90
N PHE B 8 -3.19 11.62 -6.48
CA PHE B 8 -3.09 12.05 -5.09
C PHE B 8 -4.17 13.03 -4.67
N ALA B 9 -4.81 13.66 -5.64
CA ALA B 9 -5.86 14.61 -5.33
C ALA B 9 -7.09 13.85 -4.89
N GLN B 10 -7.53 12.91 -5.74
CA GLN B 10 -8.71 12.14 -5.41
C GLN B 10 -8.47 11.36 -4.12
N ALA B 11 -7.27 10.83 -3.96
CA ALA B 11 -6.93 10.08 -2.78
C ALA B 11 -7.13 10.94 -1.54
N SER B 12 -6.74 12.21 -1.63
CA SER B 12 -6.88 13.13 -0.50
C SER B 12 -8.33 13.38 -0.17
N ILE B 13 -9.13 13.66 -1.20
CA ILE B 13 -10.55 13.95 -1.00
C ILE B 13 -11.21 12.76 -0.32
N ASP B 14 -10.96 11.56 -0.84
CA ASP B 14 -11.55 10.36 -0.27
C ASP B 14 -11.27 10.22 1.22
N SER B 15 -10.03 10.49 1.61
CA SER B 15 -9.67 10.40 3.02
C SER B 15 -10.44 11.44 3.84
N TYR B 16 -10.43 12.70 3.40
CA TYR B 16 -11.12 13.78 4.10
C TYR B 16 -12.59 13.45 4.31
N LYS B 17 -13.19 12.84 3.30
CA LYS B 17 -14.60 12.47 3.36
C LYS B 17 -14.85 11.37 4.37
N LYS B 18 -14.19 10.25 4.18
CA LYS B 18 -14.36 9.09 5.06
C LYS B 18 -14.16 9.43 6.54
N HIS B 19 -13.29 10.39 6.83
CA HIS B 19 -13.02 10.76 8.21
C HIS B 19 -13.64 12.07 8.64
N GLY B 20 -14.67 12.50 7.92
CA GLY B 20 -15.38 13.74 8.23
C GLY B 20 -14.57 15.01 8.41
N ILE B 21 -13.42 15.11 7.75
CA ILE B 21 -12.58 16.30 7.85
C ILE B 21 -13.20 17.48 7.09
N LEU B 22 -13.95 17.17 6.03
CA LEU B 22 -14.58 18.22 5.22
C LEU B 22 -15.79 18.86 5.88
N GLU B 23 -16.44 18.14 6.79
CA GLU B 23 -17.63 18.65 7.45
C GLU B 23 -17.39 19.10 8.88
N ASP B 24 -16.60 18.34 9.62
CA ASP B 24 -16.33 18.71 11.01
C ASP B 24 -15.33 19.84 11.15
N VAL B 25 -14.37 19.91 10.24
CA VAL B 25 -13.32 20.91 10.33
C VAL B 25 -13.29 21.98 9.25
N ILE B 26 -13.12 21.56 8.00
CA ILE B 26 -13.04 22.49 6.88
C ILE B 26 -14.36 23.15 6.51
N HIS B 27 -15.46 22.47 6.81
CA HIS B 27 -16.79 22.99 6.50
C HIS B 27 -17.01 23.32 5.03
N ASP B 28 -16.36 22.58 4.14
CA ASP B 28 -16.52 22.78 2.71
C ASP B 28 -16.31 21.47 1.99
N THR B 29 -17.41 20.87 1.53
CA THR B 29 -17.35 19.59 0.84
C THR B 29 -16.90 19.69 -0.62
N SER B 30 -16.64 20.90 -1.09
CA SER B 30 -16.20 21.08 -2.47
C SER B 30 -14.71 21.36 -2.50
N PHE B 31 -14.11 21.46 -1.32
CA PHE B 31 -12.68 21.73 -1.21
C PHE B 31 -11.82 20.85 -2.12
N GLN B 32 -10.89 21.49 -2.83
CA GLN B 32 -9.97 20.82 -3.73
C GLN B 32 -8.56 21.19 -3.30
N PRO B 33 -7.73 20.20 -2.97
CA PRO B 33 -6.36 20.48 -2.54
C PRO B 33 -5.54 20.98 -3.74
N SER B 34 -4.65 21.94 -3.51
CA SER B 34 -3.80 22.46 -4.58
C SER B 34 -2.46 21.77 -4.57
N GLY B 35 -2.17 21.11 -3.45
CA GLY B 35 -0.93 20.40 -3.32
C GLY B 35 -1.09 19.43 -2.17
N ILE B 36 0.00 18.86 -1.68
CA ILE B 36 -0.10 17.96 -0.55
C ILE B 36 0.88 18.38 0.52
N LEU B 37 0.45 18.27 1.77
CA LEU B 37 1.27 18.66 2.90
C LEU B 37 1.93 17.47 3.59
N ALA B 38 3.24 17.34 3.45
CA ALA B 38 3.96 16.25 4.09
C ALA B 38 4.37 16.77 5.47
N VAL B 39 4.02 16.02 6.50
CA VAL B 39 4.34 16.39 7.86
C VAL B 39 4.99 15.18 8.53
N GLU B 40 6.00 15.44 9.36
CA GLU B 40 6.70 14.37 10.04
C GLU B 40 7.30 14.83 11.38
N TYR B 41 7.24 13.96 12.38
CA TYR B 41 7.79 14.26 13.70
C TYR B 41 9.20 13.70 13.74
N SER B 42 9.36 12.52 13.14
CA SER B 42 10.64 11.84 13.07
C SER B 42 10.54 10.76 12.00
N SER B 43 11.67 10.29 11.52
CA SER B 43 11.68 9.27 10.47
C SER B 43 10.71 8.12 10.74
N SER B 44 10.39 7.92 12.02
CA SER B 44 9.48 6.84 12.38
C SER B 44 8.10 7.36 12.75
N ALA B 45 7.92 8.67 12.68
CA ALA B 45 6.65 9.28 13.03
C ALA B 45 6.13 10.24 11.96
N PRO B 46 5.75 9.70 10.80
CA PRO B 46 5.23 10.58 9.75
C PRO B 46 3.72 10.65 9.91
N VAL B 47 3.12 11.79 9.56
CA VAL B 47 1.68 11.86 9.65
C VAL B 47 1.30 11.55 8.20
N ALA B 48 0.62 10.42 8.01
CA ALA B 48 0.26 9.97 6.67
C ALA B 48 -1.22 9.78 6.38
N MET B 49 -1.98 10.87 6.45
CA MET B 49 -3.41 10.82 6.16
C MET B 49 -4.15 9.73 6.94
N GLY B 50 -4.26 9.90 8.25
CA GLY B 50 -5.01 8.94 9.05
C GLY B 50 -4.31 7.85 9.84
N ASN B 51 -2.99 7.76 9.77
CA ASN B 51 -2.30 6.74 10.54
C ASN B 51 -2.35 7.11 12.03
N THR B 52 -2.03 6.16 12.89
CA THR B 52 -2.05 6.40 14.32
C THR B 52 -0.62 6.60 14.81
N LEU B 53 -0.42 7.56 15.70
CA LEU B 53 0.90 7.83 16.24
C LEU B 53 0.86 7.83 17.75
N PRO B 54 1.88 7.24 18.38
CA PRO B 54 1.89 7.23 19.84
C PRO B 54 2.12 8.66 20.33
N THR B 55 1.25 9.11 21.23
CA THR B 55 1.32 10.45 21.79
C THR B 55 2.71 11.02 22.05
N GLU B 56 3.58 10.24 22.69
CA GLU B 56 4.93 10.70 23.02
C GLU B 56 5.77 11.07 21.81
N LYS B 57 5.44 10.53 20.65
CA LYS B 57 6.20 10.85 19.45
C LYS B 57 5.80 12.21 18.88
N ALA B 58 4.58 12.65 19.17
CA ALA B 58 4.08 13.93 18.69
C ALA B 58 4.28 14.99 19.78
N ARG B 59 5.33 14.79 20.58
CA ARG B 59 5.64 15.69 21.69
C ARG B 59 6.18 17.06 21.27
N SER B 60 7.08 17.09 20.29
CA SER B 60 7.65 18.36 19.82
C SER B 60 7.04 18.79 18.50
N LYS B 61 7.42 19.98 18.02
CA LYS B 61 6.86 20.48 16.77
C LYS B 61 7.41 19.69 15.58
N PRO B 62 6.54 19.31 14.64
CA PRO B 62 6.92 18.55 13.45
C PRO B 62 7.46 19.41 12.31
N GLN B 63 8.05 18.76 11.31
CA GLN B 63 8.58 19.43 10.13
C GLN B 63 7.53 19.37 9.04
N PHE B 64 7.55 20.35 8.14
CA PHE B 64 6.57 20.41 7.06
C PHE B 64 7.21 20.57 5.68
N GLN B 65 6.48 20.15 4.65
CA GLN B 65 6.91 20.27 3.28
C GLN B 65 5.66 20.42 2.44
N PHE B 66 5.72 21.29 1.44
CA PHE B 66 4.56 21.51 0.57
C PHE B 66 4.93 21.15 -0.85
N THR B 67 4.13 20.27 -1.45
CA THR B 67 4.38 19.87 -2.82
C THR B 67 3.25 20.42 -3.65
N PHE B 68 3.59 21.32 -4.56
CA PHE B 68 2.58 21.90 -5.44
C PHE B 68 2.63 21.16 -6.76
N ASN B 69 1.45 20.86 -7.29
CA ASN B 69 1.34 20.17 -8.56
C ASN B 69 0.25 20.81 -9.38
N LYS B 70 0.63 21.66 -10.34
CA LYS B 70 -0.34 22.32 -11.19
C LYS B 70 -1.02 21.26 -12.03
N GLN B 71 -2.09 20.70 -11.49
CA GLN B 71 -2.83 19.65 -12.18
C GLN B 71 -3.94 19.19 -11.24
N MET B 72 -3.61 19.14 -9.95
CA MET B 72 -4.57 18.74 -8.93
C MET B 72 -5.72 19.75 -8.87
N GLN B 73 -5.71 20.68 -9.81
CA GLN B 73 -6.74 21.71 -9.89
C GLN B 73 -7.41 21.73 -11.26
N ASN B 80 -10.33 31.58 -6.44
CA ASN B 80 -10.59 30.14 -6.42
C ASN B 80 -9.31 29.30 -6.48
N ALA B 81 -8.70 29.22 -7.67
CA ALA B 81 -7.47 28.46 -7.84
C ALA B 81 -6.25 29.15 -7.24
N TYR B 82 -5.37 28.35 -6.66
CA TYR B 82 -4.15 28.86 -6.06
C TYR B 82 -3.00 28.81 -7.07
N VAL B 83 -2.42 29.98 -7.34
CA VAL B 83 -1.29 30.07 -8.26
C VAL B 83 -0.11 30.59 -7.46
N PRO B 84 0.88 29.72 -7.20
CA PRO B 84 2.07 30.10 -6.43
C PRO B 84 2.76 31.38 -6.90
N GLN B 85 3.25 32.16 -5.94
CA GLN B 85 3.95 33.41 -6.21
C GLN B 85 5.01 33.67 -5.14
N ASP B 86 5.83 34.69 -5.33
CA ASP B 86 6.91 35.02 -4.39
C ASP B 86 6.49 35.78 -3.15
N ASP B 87 5.47 36.63 -3.29
CA ASP B 87 4.99 37.41 -2.15
C ASP B 87 4.29 36.51 -1.13
N ASP B 88 3.70 35.42 -1.63
CA ASP B 88 2.97 34.48 -0.79
C ASP B 88 3.49 34.23 0.62
N LEU B 89 2.58 34.37 1.57
CA LEU B 89 2.87 34.11 2.97
C LEU B 89 1.84 33.07 3.40
N PHE B 90 2.27 32.08 4.18
CA PHE B 90 1.36 31.04 4.62
C PHE B 90 1.14 30.94 6.11
N THR B 91 0.05 30.27 6.48
CA THR B 91 -0.30 30.03 7.87
C THR B 91 -0.52 28.53 8.05
N LEU B 92 0.15 27.98 9.05
CA LEU B 92 0.08 26.57 9.36
C LEU B 92 -0.68 26.38 10.67
N VAL B 93 -1.78 25.64 10.60
CA VAL B 93 -2.62 25.39 11.76
C VAL B 93 -2.69 23.92 12.18
N MET B 94 -2.90 23.67 13.47
CA MET B 94 -3.07 22.33 13.99
C MET B 94 -4.23 22.36 14.96
N THR B 95 -5.28 21.61 14.69
CA THR B 95 -6.44 21.61 15.58
C THR B 95 -7.02 20.21 15.81
N ASP B 96 -7.71 20.06 16.93
CA ASP B 96 -8.37 18.82 17.31
C ASP B 96 -9.86 19.10 17.43
N PRO B 97 -10.69 18.52 16.55
CA PRO B 97 -12.14 18.76 16.62
C PRO B 97 -12.83 17.74 17.51
N ASP B 98 -12.02 16.87 18.13
CA ASP B 98 -12.54 15.84 19.01
C ASP B 98 -12.07 16.02 20.44
N ALA B 99 -12.32 17.21 20.98
CA ALA B 99 -11.92 17.55 22.34
C ALA B 99 -13.17 17.89 23.15
N PRO B 100 -13.35 17.24 24.31
CA PRO B 100 -12.47 16.21 24.87
C PRO B 100 -12.59 14.84 24.20
N SER B 101 -13.57 14.68 23.32
CA SER B 101 -13.77 13.42 22.63
C SER B 101 -14.54 13.62 21.32
N LYS B 102 -14.66 12.55 20.55
CA LYS B 102 -15.37 12.59 19.28
C LYS B 102 -16.85 12.82 19.49
N THR B 103 -17.30 12.76 20.74
CA THR B 103 -18.72 12.95 21.04
C THR B 103 -18.98 14.18 21.89
N ASP B 104 -18.22 14.35 22.96
CA ASP B 104 -18.36 15.51 23.83
C ASP B 104 -17.54 16.65 23.21
N HIS B 105 -18.24 17.68 22.74
CA HIS B 105 -17.56 18.81 22.11
C HIS B 105 -17.51 20.08 22.97
N LYS B 106 -17.53 19.91 24.28
CA LYS B 106 -17.47 21.05 25.19
C LYS B 106 -16.27 21.94 24.86
N TRP B 107 -15.23 21.33 24.29
CA TRP B 107 -14.03 22.08 23.93
C TRP B 107 -13.66 21.87 22.47
N SER B 108 -14.60 21.34 21.70
CA SER B 108 -14.36 21.06 20.28
C SER B 108 -13.53 22.13 19.59
N GLU B 109 -12.50 21.66 18.90
CA GLU B 109 -11.56 22.50 18.19
C GLU B 109 -10.66 23.12 19.24
N PHE B 110 -9.66 22.34 19.65
CA PHE B 110 -8.68 22.75 20.64
C PHE B 110 -7.48 23.19 19.79
N CYS B 111 -7.06 24.44 19.98
CA CYS B 111 -5.95 25.00 19.21
C CYS B 111 -4.59 24.52 19.67
N HIS B 112 -3.93 23.75 18.81
CA HIS B 112 -2.62 23.20 19.11
C HIS B 112 -1.44 23.99 18.53
N LEU B 113 -1.68 24.66 17.42
CA LEU B 113 -0.61 25.40 16.78
C LEU B 113 -1.13 26.35 15.71
N VAL B 114 -0.45 27.48 15.58
CA VAL B 114 -0.79 28.51 14.60
C VAL B 114 0.44 29.35 14.29
N GLU B 115 1.07 29.06 13.15
CA GLU B 115 2.26 29.79 12.71
C GLU B 115 1.89 30.62 11.49
N CYS B 116 2.29 31.89 11.49
CA CYS B 116 1.97 32.76 10.37
C CYS B 116 3.17 33.42 9.73
N ASP B 117 2.91 34.07 8.60
CA ASP B 117 3.94 34.78 7.85
C ASP B 117 5.09 33.83 7.49
N LEU B 118 4.72 32.66 6.99
CA LEU B 118 5.68 31.65 6.57
C LEU B 118 5.87 31.77 5.07
N LYS B 119 7.11 31.67 4.60
CA LYS B 119 7.36 31.76 3.18
C LYS B 119 8.10 30.50 2.71
N LEU B 120 7.87 30.13 1.46
CA LEU B 120 8.50 28.95 0.90
C LEU B 120 9.96 29.17 0.50
N LEU B 121 10.82 28.20 0.79
CA LEU B 121 12.22 28.27 0.40
C LEU B 121 12.22 28.12 -1.13
N ASN B 122 11.33 27.25 -1.60
CA ASN B 122 11.18 26.97 -3.03
C ASN B 122 12.52 26.58 -3.65
N THR B 132 1.91 21.50 -15.60
CA THR B 132 3.29 21.81 -15.99
C THR B 132 4.12 22.30 -14.79
N GLU B 133 3.46 22.98 -13.86
CA GLU B 133 4.14 23.49 -12.68
C GLU B 133 4.21 22.40 -11.61
N PHE B 134 5.37 22.30 -10.97
CA PHE B 134 5.56 21.31 -9.92
C PHE B 134 6.77 21.67 -9.08
N PHE B 135 6.66 21.46 -7.77
CA PHE B 135 7.76 21.72 -6.85
C PHE B 135 7.44 21.29 -5.44
N ALA B 136 8.47 20.84 -4.74
CA ALA B 136 8.34 20.41 -3.36
C ALA B 136 9.25 21.34 -2.60
N SER B 137 8.73 21.97 -1.55
CA SER B 137 9.53 22.89 -0.76
C SER B 137 9.16 22.92 0.71
N GLU B 138 10.17 23.20 1.53
CA GLU B 138 9.97 23.30 2.96
C GLU B 138 9.76 24.79 3.23
N PHE B 139 9.46 25.14 4.47
CA PHE B 139 9.22 26.54 4.78
C PHE B 139 10.42 27.22 5.39
N ASN B 140 10.47 28.54 5.22
CA ASN B 140 11.53 29.32 5.80
C ASN B 140 10.92 29.82 7.10
N THR B 141 11.38 29.24 8.20
CA THR B 141 10.88 29.55 9.54
C THR B 141 11.31 30.92 10.09
N LYS B 142 12.38 31.48 9.54
CA LYS B 142 12.91 32.77 9.96
C LYS B 142 11.90 33.84 10.36
N GLY B 143 11.46 34.65 9.40
CA GLY B 143 10.54 35.72 9.70
C GLY B 143 9.11 35.37 10.05
N SER B 144 8.85 34.17 10.55
CA SER B 144 7.48 33.80 10.89
C SER B 144 7.06 34.32 12.26
N ASN B 145 5.77 34.24 12.54
CA ASN B 145 5.23 34.68 13.83
C ASN B 145 4.27 33.63 14.36
N THR B 146 4.60 33.08 15.52
CA THR B 146 3.77 32.06 16.15
C THR B 146 2.71 32.71 17.04
N LEU B 147 1.45 32.63 16.64
CA LEU B 147 0.38 33.19 17.44
C LEU B 147 0.04 32.25 18.58
N ILE B 148 0.14 30.95 18.33
CA ILE B 148 -0.16 29.94 19.34
C ILE B 148 0.93 28.86 19.32
N GLU B 149 1.84 28.92 20.29
CA GLU B 149 2.93 27.95 20.35
C GLU B 149 2.44 26.50 20.27
N TYR B 150 3.28 25.62 19.75
CA TYR B 150 2.93 24.22 19.59
C TYR B 150 2.72 23.46 20.89
N MET B 151 1.71 22.60 20.89
CA MET B 151 1.39 21.75 22.02
C MET B 151 0.93 20.40 21.45
N GLY B 152 1.69 19.34 21.74
CA GLY B 152 1.36 18.02 21.24
C GLY B 152 0.04 17.44 21.74
N PRO B 153 -0.38 16.29 21.18
CA PRO B 153 -1.63 15.63 21.58
C PRO B 153 -1.60 15.27 23.05
N ALA B 154 -2.75 15.41 23.70
CA ALA B 154 -2.89 15.10 25.11
C ALA B 154 -4.34 14.71 25.39
N PRO B 155 -4.88 13.79 24.58
CA PRO B 155 -6.27 13.35 24.75
C PRO B 155 -6.51 12.68 26.11
N PRO B 156 -7.69 12.91 26.69
CA PRO B 156 -8.08 12.33 27.99
C PRO B 156 -8.15 10.81 27.92
N LYS B 157 -7.49 10.15 28.85
CA LYS B 157 -7.50 8.70 28.91
C LYS B 157 -8.93 8.19 28.80
N GLY B 158 -9.17 7.27 27.88
CA GLY B 158 -10.50 6.72 27.71
C GLY B 158 -11.44 7.45 26.77
N SER B 159 -11.08 8.66 26.37
CA SER B 159 -11.95 9.44 25.47
C SER B 159 -11.96 8.89 24.06
N GLY B 160 -11.06 7.95 23.78
CA GLY B 160 -11.00 7.37 22.46
C GLY B 160 -9.99 8.12 21.62
N PRO B 161 -9.86 7.80 20.33
CA PRO B 161 -8.89 8.51 19.48
C PRO B 161 -9.39 9.89 19.08
N HIS B 162 -8.46 10.80 18.80
CA HIS B 162 -8.78 12.15 18.38
C HIS B 162 -8.15 12.44 17.03
N ARG B 163 -8.79 13.30 16.26
CA ARG B 163 -8.25 13.70 14.96
C ARG B 163 -7.36 14.93 15.18
N TYR B 164 -6.12 14.84 14.72
CA TYR B 164 -5.18 15.96 14.82
C TYR B 164 -4.95 16.43 13.40
N VAL B 165 -5.61 17.53 13.05
CA VAL B 165 -5.56 18.07 11.70
C VAL B 165 -4.65 19.27 11.40
N PHE B 166 -3.75 19.08 10.43
CA PHE B 166 -2.85 20.14 10.00
C PHE B 166 -3.48 20.79 8.76
N LEU B 167 -3.49 22.13 8.74
CA LEU B 167 -4.04 22.87 7.61
C LEU B 167 -3.12 24.00 7.17
N LEU B 168 -2.88 24.09 5.86
CA LEU B 168 -2.02 25.12 5.31
C LEU B 168 -2.87 26.17 4.59
N TYR B 169 -2.76 27.43 5.03
CA TYR B 169 -3.52 28.52 4.41
C TYR B 169 -2.62 29.54 3.74
N LYS B 170 -3.12 30.13 2.66
CA LYS B 170 -2.39 31.19 1.97
C LYS B 170 -2.99 32.48 2.48
N GLN B 171 -2.15 33.40 2.95
CA GLN B 171 -2.63 34.68 3.48
C GLN B 171 -2.87 35.65 2.32
N PRO B 172 -3.79 36.62 2.51
CA PRO B 172 -4.09 37.61 1.46
C PRO B 172 -2.81 38.41 1.24
N LYS B 173 -2.53 38.77 -0.01
CA LYS B 173 -1.31 39.52 -0.29
C LYS B 173 -1.13 40.82 0.52
N GLY B 174 0.07 41.00 1.05
CA GLY B 174 0.37 42.19 1.81
C GLY B 174 -0.09 42.24 3.26
N VAL B 175 -0.96 41.33 3.67
CA VAL B 175 -1.40 41.39 5.06
C VAL B 175 -0.74 40.35 5.95
N ASP B 176 0.01 40.84 6.94
CA ASP B 176 0.72 40.01 7.89
C ASP B 176 -0.21 39.55 9.02
N SER B 177 0.28 38.65 9.87
CA SER B 177 -0.53 38.10 10.96
C SER B 177 -0.95 39.08 12.05
N SER B 178 -0.28 40.23 12.15
CA SER B 178 -0.64 41.21 13.17
C SER B 178 -2.06 41.74 12.96
N LYS B 179 -2.66 41.41 11.82
CA LYS B 179 -4.00 41.86 11.50
C LYS B 179 -5.09 40.81 11.60
N PHE B 180 -4.71 39.60 11.98
CA PHE B 180 -5.69 38.53 12.11
C PHE B 180 -6.37 38.62 13.47
N SER B 181 -7.63 38.22 13.54
CA SER B 181 -8.38 38.24 14.79
C SER B 181 -7.62 37.48 15.87
N LYS B 182 -7.71 37.97 17.09
CA LYS B 182 -7.01 37.33 18.21
C LYS B 182 -7.60 35.97 18.56
N ILE B 183 -6.81 35.17 19.27
CA ILE B 183 -7.25 33.84 19.71
C ILE B 183 -7.17 33.80 21.23
N LYS B 184 -8.30 34.12 21.87
CA LYS B 184 -8.42 34.14 23.33
C LYS B 184 -7.55 33.05 23.94
N ASP B 185 -7.91 31.80 23.66
CA ASP B 185 -7.14 30.66 24.13
C ASP B 185 -7.51 29.41 23.35
N ARG B 186 -6.98 28.26 23.77
CA ARG B 186 -7.18 27.00 23.07
C ARG B 186 -8.58 26.39 22.98
N PRO B 187 -9.20 26.03 24.12
CA PRO B 187 -10.54 25.46 23.98
C PRO B 187 -11.46 26.34 23.14
N ASN B 188 -12.05 25.75 22.10
CA ASN B 188 -12.96 26.43 21.18
C ASN B 188 -12.27 27.58 20.47
N TRP B 189 -10.94 27.61 20.53
CA TRP B 189 -10.18 28.69 19.91
C TRP B 189 -10.63 30.00 20.53
N GLY B 190 -11.06 29.91 21.80
CA GLY B 190 -11.51 31.08 22.53
C GLY B 190 -12.79 31.70 22.03
N TYR B 191 -13.61 30.92 21.33
CA TYR B 191 -14.88 31.44 20.81
C TYR B 191 -16.05 31.16 21.75
N GLY B 192 -15.80 30.39 22.81
CA GLY B 192 -16.87 30.08 23.74
C GLY B 192 -17.81 28.98 23.27
N THR B 193 -18.42 29.15 22.10
CA THR B 193 -19.34 28.16 21.56
C THR B 193 -18.64 26.84 21.20
N PRO B 194 -19.36 25.72 21.28
CA PRO B 194 -18.80 24.39 20.96
C PRO B 194 -18.70 24.13 19.46
N ALA B 195 -17.74 23.28 19.09
CA ALA B 195 -17.52 22.90 17.69
C ALA B 195 -17.17 24.08 16.79
N THR B 196 -16.28 24.95 17.25
CA THR B 196 -15.87 26.09 16.45
C THR B 196 -14.35 26.27 16.51
N GLY B 197 -13.76 26.60 15.36
CA GLY B 197 -12.32 26.77 15.33
C GLY B 197 -11.75 27.31 14.03
N VAL B 198 -10.83 26.55 13.43
CA VAL B 198 -10.19 26.95 12.18
C VAL B 198 -11.16 27.48 11.13
N GLY B 199 -12.33 26.85 11.04
CA GLY B 199 -13.31 27.28 10.05
C GLY B 199 -13.73 28.71 10.28
N LYS B 200 -14.16 29.01 11.50
CA LYS B 200 -14.59 30.36 11.89
C LYS B 200 -13.46 31.37 11.71
N TRP B 201 -12.34 31.10 12.35
CA TRP B 201 -11.17 31.97 12.31
C TRP B 201 -10.60 32.20 10.91
N ALA B 202 -10.54 31.15 10.09
CA ALA B 202 -10.00 31.26 8.75
C ALA B 202 -10.86 32.16 7.86
N LYS B 203 -12.17 32.09 8.05
CA LYS B 203 -13.09 32.89 7.26
C LYS B 203 -13.05 34.36 7.61
N GLU B 204 -13.11 34.69 8.89
CA GLU B 204 -13.08 36.09 9.28
C GLU B 204 -11.75 36.76 8.98
N ASN B 205 -10.78 35.98 8.50
CA ASN B 205 -9.47 36.53 8.18
C ASN B 205 -9.11 36.34 6.71
N ASN B 206 -10.09 35.95 5.91
CA ASN B 206 -9.89 35.76 4.49
C ASN B 206 -8.72 34.88 4.11
N LEU B 207 -8.52 33.78 4.82
CA LEU B 207 -7.42 32.86 4.50
C LEU B 207 -7.90 31.84 3.47
N GLN B 208 -7.00 31.44 2.59
CA GLN B 208 -7.33 30.46 1.55
C GLN B 208 -6.70 29.11 1.86
N LEU B 209 -7.54 28.11 2.14
CA LEU B 209 -7.06 26.75 2.44
C LEU B 209 -6.36 26.18 1.21
N VAL B 210 -5.15 25.66 1.39
CA VAL B 210 -4.41 25.09 0.27
C VAL B 210 -4.13 23.60 0.41
N ALA B 211 -3.93 23.13 1.64
CA ALA B 211 -3.64 21.72 1.86
C ALA B 211 -3.95 21.27 3.29
N SER B 212 -3.96 19.95 3.48
CA SER B 212 -4.24 19.36 4.79
C SER B 212 -3.81 17.89 4.93
N ASN B 213 -3.33 17.53 6.10
CA ASN B 213 -2.92 16.18 6.42
C ASN B 213 -3.38 15.95 7.85
N PHE B 214 -3.41 14.71 8.32
CA PHE B 214 -3.85 14.47 9.68
C PHE B 214 -3.48 13.08 10.19
N PHE B 215 -3.58 12.89 11.49
CA PHE B 215 -3.26 11.61 12.10
C PHE B 215 -4.15 11.41 13.32
N TYR B 216 -4.10 10.20 13.88
CA TYR B 216 -4.89 9.87 15.06
C TYR B 216 -3.95 9.57 16.21
N ALA B 217 -4.41 9.88 17.41
CA ALA B 217 -3.66 9.62 18.63
C ALA B 217 -4.69 9.27 19.68
N GLU B 218 -4.31 8.41 20.62
CA GLU B 218 -5.22 7.97 21.66
C GLU B 218 -4.47 7.66 22.96
N THR B 219 -5.17 7.84 24.08
CA THR B 219 -4.62 7.54 25.38
C THR B 219 -5.50 6.47 26.00
N LYS B 220 -4.96 5.28 26.19
CA LYS B 220 -5.73 4.18 26.76
C LYS B 220 -5.44 4.01 28.24
#